data_7UHT
#
_entry.id   7UHT
#
_cell.length_a   106.094
_cell.length_b   106.094
_cell.length_c   99.772
_cell.angle_alpha   90.000
_cell.angle_beta   90.000
_cell.angle_gamma   120.000
#
_symmetry.space_group_name_H-M   'P 64 2 2'
#
loop_
_entity.id
_entity.type
_entity.pdbx_description
1 polymer 'Putative metallo-beta-lactamase l1 (Beta-lactamase type ii) (Ec 3.5.2.6) (Penicillinase)'
2 non-polymer 'ZINC ION'
3 water water
#
_entity_poly.entity_id   1
_entity_poly.type   'polypeptide(L)'
_entity_poly.pdbx_seq_one_letter_code
;SNAASAAEAPLPQLRAYTVDASWLQPMAPLQVADHTWQIGTEDLTALLVQTAEGAVLLDGGMPQMAGHLLDNMKLRGVAP
QDLRLILLSHAHADHAGPVAELKRRTGAHVAANAETAVLLARGGSNDLHFGDGITYPPASADRIIMDGEVVTVGGIAFTA
HFMPGHTPGSTAWTWTDTRDGKPVRIAYADSLSAPGYQLKGNPRYPRLIEDYKRSFATVRALPCDLLLTPHPGASNWNYA
VGSKASAEALTCNAYADAAEKKFDAQLARETAGTR
;
_entity_poly.pdbx_strand_id   A
#
loop_
_chem_comp.id
_chem_comp.type
_chem_comp.name
_chem_comp.formula
ZN non-polymer 'ZINC ION' 'Zn 2'
#
# COMPACT_ATOMS: atom_id res chain seq x y z
N ALA A 9 -17.36 30.55 -24.45
CA ALA A 9 -16.48 30.05 -23.40
C ALA A 9 -17.03 28.76 -22.78
N PRO A 10 -16.57 27.62 -23.28
CA PRO A 10 -17.11 26.33 -22.80
C PRO A 10 -16.58 25.93 -21.44
N LEU A 11 -16.87 24.67 -21.03
CA LEU A 11 -16.48 23.99 -19.80
C LEU A 11 -15.12 23.31 -20.00
N PRO A 12 -14.33 23.18 -18.94
CA PRO A 12 -12.96 22.66 -19.11
C PRO A 12 -12.93 21.19 -19.47
N GLN A 13 -11.83 20.80 -20.11
CA GLN A 13 -11.62 19.40 -20.48
C GLN A 13 -11.16 18.60 -19.29
N LEU A 14 -11.51 17.31 -19.29
CA LEU A 14 -11.05 16.42 -18.23
C LEU A 14 -9.54 16.22 -18.34
N ARG A 15 -8.86 16.28 -17.20
CA ARG A 15 -7.41 16.12 -17.13
C ARG A 15 -7.09 14.83 -16.37
N ALA A 16 -6.13 14.07 -16.87
CA ALA A 16 -5.84 12.76 -16.33
C ALA A 16 -4.79 12.82 -15.23
N TYR A 17 -4.68 11.72 -14.49
CA TYR A 17 -3.76 11.61 -13.36
C TYR A 17 -2.37 11.31 -13.89
N THR A 18 -1.55 12.36 -14.02
CA THR A 18 -0.18 12.23 -14.50
C THR A 18 0.76 12.18 -13.30
N VAL A 19 1.69 11.21 -13.32
CA VAL A 19 2.60 10.98 -12.21
C VAL A 19 4.04 11.16 -12.70
N ASP A 20 4.97 11.09 -11.75
CA ASP A 20 6.39 11.22 -12.08
C ASP A 20 6.84 10.05 -12.95
N ALA A 21 7.99 10.24 -13.61
CA ALA A 21 8.49 9.24 -14.53
C ALA A 21 8.91 7.97 -13.80
N SER A 22 9.53 8.10 -12.63
CA SER A 22 10.03 6.93 -11.91
C SER A 22 8.92 6.08 -11.29
N TRP A 23 7.68 6.59 -11.27
CA TRP A 23 6.58 5.78 -10.78
C TRP A 23 6.16 4.70 -11.78
N LEU A 24 6.45 4.91 -13.07
CA LEU A 24 6.05 3.99 -14.13
C LEU A 24 7.26 3.31 -14.78
N GLN A 25 8.34 3.13 -14.01
CA GLN A 25 9.57 2.57 -14.55
C GLN A 25 9.66 1.08 -14.21
N PRO A 26 9.46 0.18 -15.16
CA PRO A 26 9.47 -1.25 -14.83
C PRO A 26 10.83 -1.71 -14.30
N MET A 27 10.79 -2.66 -13.35
CA MET A 27 11.99 -3.25 -12.79
C MET A 27 11.79 -4.76 -12.65
N ALA A 28 12.89 -5.49 -12.65
CA ALA A 28 12.86 -6.93 -12.46
C ALA A 28 12.60 -7.26 -11.00
N PRO A 29 12.10 -8.47 -10.71
CA PRO A 29 11.80 -8.83 -9.32
C PRO A 29 13.04 -8.72 -8.43
N LEU A 30 12.88 -8.02 -7.31
CA LEU A 30 13.92 -7.85 -6.31
C LEU A 30 13.53 -8.63 -5.06
N GLN A 31 14.47 -9.40 -4.51
CA GLN A 31 14.18 -10.25 -3.37
C GLN A 31 14.30 -9.48 -2.07
N VAL A 32 13.33 -9.70 -1.18
CA VAL A 32 13.32 -9.08 0.14
C VAL A 32 13.55 -10.11 1.24
N ALA A 33 12.93 -11.28 1.12
CA ALA A 33 13.18 -12.40 2.02
C ALA A 33 13.03 -13.69 1.21
N ASP A 34 13.00 -14.83 1.91
CA ASP A 34 12.94 -16.12 1.23
C ASP A 34 11.70 -16.25 0.34
N HIS A 35 10.62 -15.56 0.68
CA HIS A 35 9.38 -15.67 -0.08
C HIS A 35 8.75 -14.33 -0.44
N THR A 36 9.41 -13.21 -0.14
CA THR A 36 8.86 -11.89 -0.38
C THR A 36 9.66 -11.20 -1.48
N TRP A 37 8.95 -10.69 -2.48
CA TRP A 37 9.56 -10.11 -3.67
C TRP A 37 8.90 -8.77 -4.01
N GLN A 38 9.73 -7.79 -4.37
CA GLN A 38 9.23 -6.55 -4.94
C GLN A 38 9.16 -6.68 -6.46
N ILE A 39 7.95 -6.61 -7.00
CA ILE A 39 7.70 -6.82 -8.42
C ILE A 39 7.02 -5.61 -9.05
N GLY A 40 7.01 -4.48 -8.36
CA GLY A 40 6.42 -3.28 -8.92
C GLY A 40 7.39 -2.50 -9.78
N THR A 41 7.44 -1.18 -9.59
CA THR A 41 8.37 -0.32 -10.28
C THR A 41 9.40 0.21 -9.29
N GLU A 42 10.24 1.15 -9.75
CA GLU A 42 11.28 1.70 -8.91
C GLU A 42 10.71 2.53 -7.77
N ASP A 43 9.61 3.26 -8.02
CA ASP A 43 9.03 4.15 -7.03
C ASP A 43 7.66 3.72 -6.56
N LEU A 44 7.23 2.50 -6.87
CA LEU A 44 5.95 1.98 -6.41
C LEU A 44 6.13 0.54 -5.97
N THR A 45 5.72 0.26 -4.74
CA THR A 45 5.91 -1.05 -4.12
C THR A 45 4.75 -1.98 -4.47
N ALA A 46 5.07 -3.16 -4.99
CA ALA A 46 4.10 -4.22 -5.20
C ALA A 46 4.75 -5.52 -4.74
N LEU A 47 4.28 -6.04 -3.61
CA LEU A 47 4.93 -7.17 -2.95
C LEU A 47 4.26 -8.48 -3.32
N LEU A 48 5.06 -9.45 -3.74
CA LEU A 48 4.59 -10.80 -4.04
C LEU A 48 5.14 -11.74 -2.98
N VAL A 49 4.26 -12.56 -2.40
CA VAL A 49 4.65 -13.54 -1.38
C VAL A 49 4.24 -14.92 -1.90
N GLN A 50 5.23 -15.79 -2.10
CA GLN A 50 5.00 -17.11 -2.65
C GLN A 50 4.93 -18.15 -1.53
N THR A 51 3.86 -18.94 -1.52
CA THR A 51 3.67 -19.99 -0.54
C THR A 51 3.47 -21.31 -1.27
N ALA A 52 3.25 -22.38 -0.50
CA ALA A 52 3.05 -23.69 -1.07
C ALA A 52 1.65 -23.87 -1.65
N GLU A 53 0.70 -23.01 -1.29
CA GLU A 53 -0.68 -23.11 -1.76
C GLU A 53 -1.07 -21.95 -2.67
N GLY A 54 -0.12 -21.10 -3.06
CA GLY A 54 -0.43 -19.99 -3.93
C GLY A 54 0.32 -18.72 -3.57
N ALA A 55 0.07 -17.64 -4.31
CA ALA A 55 0.76 -16.38 -4.13
C ALA A 55 -0.17 -15.32 -3.55
N VAL A 56 0.42 -14.36 -2.84
CA VAL A 56 -0.29 -13.23 -2.29
C VAL A 56 0.33 -11.96 -2.85
N LEU A 57 -0.52 -11.01 -3.24
CA LEU A 57 -0.08 -9.73 -3.76
C LEU A 57 -0.52 -8.62 -2.81
N LEU A 58 0.41 -7.74 -2.45
CA LEU A 58 0.10 -6.57 -1.63
C LEU A 58 0.33 -5.33 -2.49
N ASP A 59 -0.76 -4.62 -2.80
CA ASP A 59 -0.78 -3.44 -3.66
C ASP A 59 -0.40 -3.80 -5.10
N GLY A 60 -0.71 -2.91 -6.04
CA GLY A 60 -0.44 -3.18 -7.44
C GLY A 60 0.09 -1.99 -8.20
N GLY A 61 -0.01 -0.79 -7.62
CA GLY A 61 0.51 0.40 -8.25
C GLY A 61 -0.50 1.13 -9.12
N MET A 62 -0.02 1.71 -10.23
CA MET A 62 -0.87 2.44 -11.14
C MET A 62 -1.74 1.48 -11.96
N PRO A 63 -2.86 1.96 -12.51
CA PRO A 63 -3.74 1.06 -13.28
C PRO A 63 -3.06 0.40 -14.47
N GLN A 64 -2.13 1.10 -15.13
CA GLN A 64 -1.48 0.58 -16.32
C GLN A 64 -0.33 -0.37 -16.01
N MET A 65 -0.22 -0.85 -14.77
CA MET A 65 0.83 -1.77 -14.37
C MET A 65 0.38 -3.22 -14.35
N ALA A 66 -0.87 -3.50 -14.74
CA ALA A 66 -1.41 -4.85 -14.63
C ALA A 66 -0.61 -5.85 -15.47
N GLY A 67 -0.26 -5.48 -16.70
CA GLY A 67 0.51 -6.40 -17.54
C GLY A 67 1.90 -6.63 -17.01
N HIS A 68 2.54 -5.59 -16.46
CA HIS A 68 3.89 -5.74 -15.93
C HIS A 68 3.90 -6.65 -14.72
N LEU A 69 2.89 -6.55 -13.86
CA LEU A 69 2.85 -7.38 -12.66
C LEU A 69 2.71 -8.86 -13.03
N LEU A 70 1.94 -9.16 -14.07
CA LEU A 70 1.79 -10.55 -14.50
C LEU A 70 3.06 -11.08 -15.15
N ASP A 71 3.82 -10.21 -15.82
CA ASP A 71 5.11 -10.64 -16.38
C ASP A 71 6.09 -11.01 -15.29
N ASN A 72 6.13 -10.23 -14.20
CA ASN A 72 7.05 -10.53 -13.10
C ASN A 72 6.59 -11.74 -12.30
N MET A 73 5.27 -11.91 -12.13
CA MET A 73 4.77 -13.13 -11.52
C MET A 73 5.18 -14.35 -12.35
N LYS A 74 5.10 -14.25 -13.67
CA LYS A 74 5.54 -15.33 -14.54
C LYS A 74 7.04 -15.58 -14.40
N LEU A 75 7.83 -14.54 -14.16
CA LEU A 75 9.27 -14.72 -13.97
C LEU A 75 9.58 -15.51 -12.69
N ARG A 76 8.67 -15.50 -11.72
CA ARG A 76 8.85 -16.26 -10.49
C ARG A 76 8.19 -17.63 -10.55
N GLY A 77 7.68 -18.03 -11.71
CA GLY A 77 6.99 -19.30 -11.84
C GLY A 77 5.56 -19.29 -11.33
N VAL A 78 4.95 -18.11 -11.22
CA VAL A 78 3.60 -17.96 -10.68
C VAL A 78 2.66 -17.73 -11.86
N ALA A 79 1.87 -18.74 -12.20
CA ALA A 79 0.84 -18.57 -13.20
C ALA A 79 -0.27 -17.68 -12.65
N PRO A 80 -1.07 -17.06 -13.53
CA PRO A 80 -2.14 -16.18 -13.03
C PRO A 80 -3.11 -16.87 -12.08
N GLN A 81 -3.53 -18.09 -12.39
CA GLN A 81 -4.47 -18.82 -11.52
C GLN A 81 -3.85 -19.19 -10.18
N ASP A 82 -2.54 -18.99 -9.99
CA ASP A 82 -1.90 -19.25 -8.70
C ASP A 82 -2.02 -18.07 -7.75
N LEU A 83 -2.41 -16.90 -8.23
CA LEU A 83 -2.62 -15.75 -7.35
C LEU A 83 -3.92 -15.96 -6.58
N ARG A 84 -3.81 -16.12 -5.27
CA ARG A 84 -4.97 -16.45 -4.46
C ARG A 84 -5.64 -15.25 -3.83
N LEU A 85 -4.88 -14.19 -3.53
CA LEU A 85 -5.40 -13.13 -2.70
C LEU A 85 -4.65 -11.83 -2.97
N ILE A 86 -5.38 -10.73 -2.97
CA ILE A 86 -4.81 -9.39 -3.08
C ILE A 86 -5.13 -8.62 -1.80
N LEU A 87 -4.09 -8.12 -1.15
CA LEU A 87 -4.22 -7.23 0.01
C LEU A 87 -3.82 -5.83 -0.38
N LEU A 88 -4.34 -4.84 0.35
CA LEU A 88 -4.16 -3.44 0.01
C LEU A 88 -3.71 -2.63 1.22
N SER A 89 -2.88 -1.62 0.96
CA SER A 89 -2.56 -0.63 1.97
C SER A 89 -3.69 0.41 2.08
N HIS A 90 -3.94 1.12 0.99
CA HIS A 90 -5.12 1.99 0.90
C HIS A 90 -5.55 2.07 -0.56
N ALA A 91 -6.82 2.42 -0.76
CA ALA A 91 -7.46 2.29 -2.07
C ALA A 91 -7.38 3.59 -2.87
N HIS A 92 -6.16 4.08 -3.05
CA HIS A 92 -5.91 5.19 -3.96
C HIS A 92 -5.40 4.67 -5.30
N ALA A 93 -5.44 5.56 -6.30
CA ALA A 93 -5.22 5.13 -7.69
C ALA A 93 -3.81 4.63 -7.93
N ASP A 94 -2.82 5.15 -7.19
CA ASP A 94 -1.43 4.77 -7.41
C ASP A 94 -1.03 3.51 -6.64
N HIS A 95 -1.98 2.82 -6.02
CA HIS A 95 -1.69 1.58 -5.31
C HIS A 95 -2.74 0.49 -5.50
N ALA A 96 -4.00 0.83 -5.79
CA ALA A 96 -5.03 -0.15 -6.09
C ALA A 96 -5.45 -0.10 -7.55
N GLY A 97 -4.74 0.67 -8.37
CA GLY A 97 -5.08 0.90 -9.76
C GLY A 97 -5.48 -0.32 -10.57
N PRO A 98 -4.59 -1.31 -10.67
CA PRO A 98 -4.87 -2.49 -11.51
C PRO A 98 -5.63 -3.61 -10.83
N VAL A 99 -6.24 -3.37 -9.66
CA VAL A 99 -6.87 -4.46 -8.91
C VAL A 99 -8.02 -5.06 -9.69
N ALA A 100 -8.85 -4.21 -10.32
CA ALA A 100 -10.00 -4.71 -11.07
C ALA A 100 -9.57 -5.61 -12.22
N GLU A 101 -8.53 -5.21 -12.96
CA GLU A 101 -8.06 -6.03 -14.06
C GLU A 101 -7.39 -7.31 -13.57
N LEU A 102 -6.64 -7.23 -12.47
CA LEU A 102 -5.96 -8.41 -11.93
C LEU A 102 -6.95 -9.45 -11.44
N LYS A 103 -8.10 -9.02 -10.90
CA LYS A 103 -9.13 -9.98 -10.52
C LYS A 103 -9.67 -10.72 -11.74
N ARG A 104 -9.89 -10.01 -12.84
CA ARG A 104 -10.47 -10.64 -14.03
C ARG A 104 -9.52 -11.69 -14.62
N ARG A 105 -8.22 -11.44 -14.57
CA ARG A 105 -7.25 -12.27 -15.27
C ARG A 105 -6.58 -13.32 -14.39
N THR A 106 -6.86 -13.33 -13.08
CA THR A 106 -6.26 -14.31 -12.18
C THR A 106 -7.26 -15.12 -11.38
N GLY A 107 -8.50 -14.64 -11.21
CA GLY A 107 -9.43 -15.34 -10.35
C GLY A 107 -9.11 -15.22 -8.87
N ALA A 108 -8.33 -14.22 -8.48
CA ALA A 108 -8.00 -14.02 -7.08
C ALA A 108 -9.15 -13.30 -6.36
N HIS A 109 -9.13 -13.39 -5.03
CA HIS A 109 -10.04 -12.64 -4.19
C HIS A 109 -9.32 -11.47 -3.54
N VAL A 110 -10.10 -10.47 -3.15
CA VAL A 110 -9.58 -9.26 -2.52
C VAL A 110 -10.11 -9.18 -1.10
N ALA A 111 -9.21 -8.93 -0.14
CA ALA A 111 -9.58 -8.77 1.26
C ALA A 111 -9.14 -7.39 1.73
N ALA A 112 -10.07 -6.68 2.35
CA ALA A 112 -9.82 -5.33 2.85
C ALA A 112 -10.84 -5.02 3.93
N ASN A 113 -10.61 -3.93 4.66
CA ASN A 113 -11.58 -3.52 5.66
C ASN A 113 -12.71 -2.73 5.01
N ALA A 114 -13.72 -2.40 5.83
CA ALA A 114 -14.94 -1.80 5.30
C ALA A 114 -14.69 -0.45 4.64
N GLU A 115 -13.84 0.38 5.25
CA GLU A 115 -13.57 1.70 4.66
C GLU A 115 -12.84 1.57 3.33
N THR A 116 -11.85 0.69 3.25
CA THR A 116 -11.19 0.46 1.97
C THR A 116 -12.12 -0.19 0.97
N ALA A 117 -13.05 -1.01 1.43
CA ALA A 117 -13.96 -1.71 0.53
C ALA A 117 -14.91 -0.73 -0.16
N VAL A 118 -15.45 0.26 0.57
CA VAL A 118 -16.40 1.18 -0.04
C VAL A 118 -15.69 2.16 -0.95
N LEU A 119 -14.46 2.55 -0.62
CA LEU A 119 -13.70 3.43 -1.50
C LEU A 119 -13.26 2.68 -2.75
N LEU A 120 -12.87 1.41 -2.60
CA LEU A 120 -12.53 0.60 -3.76
C LEU A 120 -13.74 0.40 -4.68
N ALA A 121 -14.93 0.24 -4.09
CA ALA A 121 -16.14 -0.02 -4.86
C ALA A 121 -16.53 1.16 -5.75
N ARG A 122 -16.16 2.37 -5.39
CA ARG A 122 -16.48 3.54 -6.22
C ARG A 122 -15.26 4.08 -6.95
N GLY A 123 -14.22 3.26 -7.10
CA GLY A 123 -13.06 3.64 -7.89
C GLY A 123 -12.32 4.86 -7.42
N GLY A 124 -12.35 5.13 -6.12
CA GLY A 124 -11.68 6.31 -5.58
C GLY A 124 -12.42 7.62 -5.80
N SER A 125 -13.58 7.61 -6.45
CA SER A 125 -14.35 8.82 -6.63
C SER A 125 -14.96 9.27 -5.30
N ASN A 126 -15.38 10.53 -5.27
CA ASN A 126 -15.88 11.17 -4.06
C ASN A 126 -14.91 10.97 -2.90
N ASP A 127 -13.61 11.10 -3.20
CA ASP A 127 -12.60 11.04 -2.16
C ASP A 127 -12.79 12.18 -1.17
N LEU A 128 -12.51 11.90 0.11
CA LEU A 128 -12.76 12.89 1.15
C LEU A 128 -11.96 14.18 0.91
N HIS A 129 -10.82 14.08 0.25
CA HIS A 129 -9.96 15.23 0.01
C HIS A 129 -9.76 15.56 -1.46
N PHE A 130 -9.74 14.56 -2.34
CA PHE A 130 -9.46 14.77 -3.75
C PHE A 130 -10.70 14.81 -4.63
N GLY A 131 -11.87 14.47 -4.09
CA GLY A 131 -13.08 14.49 -4.90
C GLY A 131 -13.04 13.41 -5.95
N ASP A 132 -13.29 13.79 -7.20
CA ASP A 132 -13.25 12.87 -8.34
C ASP A 132 -12.00 13.07 -9.19
N GLY A 133 -10.98 13.73 -8.65
CA GLY A 133 -9.82 14.08 -9.45
C GLY A 133 -8.93 12.91 -9.80
N ILE A 134 -8.86 11.90 -8.93
CA ILE A 134 -7.96 10.76 -9.10
C ILE A 134 -8.81 9.50 -8.99
N THR A 135 -9.29 8.99 -10.12
CA THR A 135 -10.16 7.82 -10.15
C THR A 135 -9.45 6.65 -10.84
N TYR A 136 -10.09 5.49 -10.76
CA TYR A 136 -9.57 4.26 -11.34
C TYR A 136 -10.73 3.25 -11.42
N PRO A 137 -10.59 2.20 -12.22
CA PRO A 137 -11.70 1.24 -12.38
C PRO A 137 -12.10 0.65 -11.05
N PRO A 138 -13.40 0.54 -10.78
CA PRO A 138 -13.86 0.02 -9.48
C PRO A 138 -13.62 -1.47 -9.35
N ALA A 139 -13.47 -1.91 -8.10
CA ALA A 139 -13.34 -3.32 -7.77
C ALA A 139 -14.05 -3.57 -6.45
N SER A 140 -14.54 -4.79 -6.27
CA SER A 140 -15.28 -5.17 -5.07
C SER A 140 -14.45 -6.10 -4.21
N ALA A 141 -14.47 -5.86 -2.90
CA ALA A 141 -13.77 -6.72 -1.95
C ALA A 141 -14.61 -7.96 -1.66
N ASP A 142 -13.94 -9.10 -1.60
CA ASP A 142 -14.61 -10.38 -1.39
C ASP A 142 -14.69 -10.76 0.09
N ARG A 143 -13.70 -10.38 0.89
CA ARG A 143 -13.67 -10.68 2.31
C ARG A 143 -13.40 -9.40 3.09
N ILE A 144 -14.23 -9.14 4.09
CA ILE A 144 -14.10 -7.94 4.92
C ILE A 144 -13.24 -8.27 6.13
N ILE A 145 -12.31 -7.37 6.44
CA ILE A 145 -11.25 -7.61 7.42
C ILE A 145 -11.47 -6.70 8.62
N MET A 146 -11.31 -7.24 9.82
CA MET A 146 -11.36 -6.48 11.06
C MET A 146 -9.95 -6.19 11.57
N ASP A 147 -9.85 -5.21 12.45
CA ASP A 147 -8.57 -4.82 13.01
C ASP A 147 -8.00 -5.94 13.86
N GLY A 148 -6.76 -6.35 13.56
CA GLY A 148 -6.12 -7.44 14.26
C GLY A 148 -6.43 -8.83 13.72
N GLU A 149 -7.22 -8.93 12.66
CA GLU A 149 -7.57 -10.23 12.09
C GLU A 149 -6.38 -10.82 11.34
N VAL A 150 -6.26 -12.14 11.42
CA VAL A 150 -5.16 -12.87 10.79
C VAL A 150 -5.67 -13.54 9.52
N VAL A 151 -4.92 -13.38 8.44
CA VAL A 151 -5.24 -13.98 7.15
C VAL A 151 -4.11 -14.95 6.83
N THR A 152 -4.45 -16.22 6.64
CA THR A 152 -3.48 -17.28 6.43
C THR A 152 -3.59 -17.84 5.02
N VAL A 153 -2.47 -17.91 4.32
CA VAL A 153 -2.38 -18.54 3.01
C VAL A 153 -1.10 -19.35 2.95
N GLY A 154 -1.22 -20.65 2.73
CA GLY A 154 -0.06 -21.51 2.60
C GLY A 154 0.84 -21.54 3.82
N GLY A 155 0.28 -21.31 5.01
CA GLY A 155 1.05 -21.32 6.23
C GLY A 155 1.58 -19.96 6.66
N ILE A 156 1.66 -19.00 5.74
CA ILE A 156 2.11 -17.66 6.09
C ILE A 156 0.93 -16.85 6.61
N ALA A 157 1.08 -16.29 7.79
CA ALA A 157 0.00 -15.58 8.46
C ALA A 157 0.19 -14.07 8.31
N PHE A 158 -0.83 -13.38 7.81
CA PHE A 158 -0.84 -11.94 7.66
C PHE A 158 -1.77 -11.33 8.69
N THR A 159 -1.29 -10.34 9.43
CA THR A 159 -2.06 -9.67 10.47
C THR A 159 -2.31 -8.22 10.06
N ALA A 160 -3.56 -7.80 10.12
CA ALA A 160 -3.95 -6.45 9.75
C ALA A 160 -3.86 -5.52 10.95
N HIS A 161 -3.32 -4.32 10.72
CA HIS A 161 -3.22 -3.29 11.75
C HIS A 161 -3.81 -2.00 11.18
N PHE A 162 -4.98 -1.61 11.65
CA PHE A 162 -5.62 -0.39 11.16
C PHE A 162 -4.81 0.83 11.57
N MET A 163 -4.63 1.76 10.64
CA MET A 163 -3.93 3.02 10.88
C MET A 163 -4.59 4.12 10.08
N PRO A 164 -5.78 4.56 10.51
CA PRO A 164 -6.51 5.56 9.73
C PRO A 164 -5.79 6.90 9.70
N GLY A 165 -5.93 7.60 8.59
CA GLY A 165 -5.32 8.90 8.43
C GLY A 165 -5.20 9.33 6.98
N HIS A 166 -4.21 8.78 6.27
CA HIS A 166 -4.07 9.04 4.84
C HIS A 166 -5.38 8.73 4.11
N THR A 167 -6.00 7.61 4.46
CA THR A 167 -7.37 7.29 4.12
C THR A 167 -7.99 6.66 5.36
N PRO A 168 -9.31 6.73 5.50
CA PRO A 168 -9.95 6.09 6.67
C PRO A 168 -9.65 4.61 6.79
N GLY A 169 -9.43 3.92 5.67
CA GLY A 169 -9.20 2.49 5.71
C GLY A 169 -7.75 2.09 5.56
N SER A 170 -6.82 3.01 5.81
CA SER A 170 -5.40 2.70 5.71
C SER A 170 -5.04 1.57 6.67
N THR A 171 -4.21 0.64 6.18
CA THR A 171 -3.94 -0.60 6.87
C THR A 171 -2.46 -0.96 6.72
N ALA A 172 -1.87 -1.45 7.81
CA ALA A 172 -0.52 -1.99 7.80
C ALA A 172 -0.58 -3.50 7.96
N TRP A 173 0.29 -4.21 7.25
CA TRP A 173 0.32 -5.66 7.26
C TRP A 173 1.65 -6.16 7.79
N THR A 174 1.60 -7.14 8.70
CA THR A 174 2.79 -7.73 9.29
C THR A 174 2.78 -9.23 9.07
N TRP A 175 3.96 -9.78 8.80
CA TRP A 175 4.12 -11.22 8.67
C TRP A 175 5.58 -11.57 8.88
N THR A 176 5.82 -12.83 9.23
CA THR A 176 7.16 -13.33 9.51
C THR A 176 7.61 -14.22 8.35
N ASP A 177 8.73 -13.85 7.72
CA ASP A 177 9.36 -14.63 6.68
C ASP A 177 10.70 -15.16 7.22
N THR A 178 11.55 -15.64 6.32
CA THR A 178 12.87 -16.14 6.70
C THR A 178 13.93 -15.57 5.77
N ARG A 179 15.16 -15.53 6.28
CA ARG A 179 16.35 -15.11 5.53
C ARG A 179 17.35 -16.26 5.64
N ASP A 180 17.32 -17.17 4.66
CA ASP A 180 18.14 -18.38 4.70
C ASP A 180 17.91 -19.14 6.00
N GLY A 181 16.64 -19.36 6.32
CA GLY A 181 16.25 -20.11 7.49
C GLY A 181 15.99 -19.29 8.73
N LYS A 182 16.62 -18.12 8.86
CA LYS A 182 16.33 -17.45 10.13
C LYS A 182 15.22 -16.42 9.98
N PRO A 183 14.33 -16.34 10.97
CA PRO A 183 13.12 -15.54 10.80
C PRO A 183 13.41 -14.04 10.74
N VAL A 184 12.47 -13.33 10.12
CA VAL A 184 12.53 -11.87 9.98
C VAL A 184 11.10 -11.35 10.02
N ARG A 185 10.88 -10.28 10.78
CA ARG A 185 9.55 -9.70 10.94
C ARG A 185 9.39 -8.55 9.96
N ILE A 186 8.57 -8.76 8.94
CA ILE A 186 8.33 -7.77 7.89
C ILE A 186 7.06 -6.99 8.22
N ALA A 187 7.13 -5.67 8.08
CA ALA A 187 6.00 -4.79 8.31
C ALA A 187 5.83 -3.90 7.08
N TYR A 188 4.66 -3.95 6.45
CA TYR A 188 4.32 -3.12 5.31
C TYR A 188 3.35 -2.05 5.80
N ALA A 189 3.87 -0.88 6.13
CA ALA A 189 3.07 0.20 6.72
C ALA A 189 2.66 1.20 5.64
N ASP A 190 1.43 1.69 5.74
CA ASP A 190 0.87 2.60 4.76
C ASP A 190 1.46 4.00 4.96
N SER A 191 1.03 4.93 4.10
CA SER A 191 1.50 6.30 4.17
C SER A 191 0.97 6.98 5.43
N LEU A 192 1.80 7.87 5.98
CA LEU A 192 1.41 8.72 7.11
C LEU A 192 1.39 10.19 6.73
N SER A 193 1.21 10.47 5.44
CA SER A 193 1.26 11.82 4.91
C SER A 193 -0.14 12.39 4.74
N ALA A 194 -0.20 13.73 4.64
CA ALA A 194 -1.45 14.46 4.40
C ALA A 194 -1.19 15.48 3.30
N PRO A 195 -1.02 15.04 2.05
CA PRO A 195 -0.65 15.96 0.98
C PRO A 195 -1.77 16.90 0.58
N GLY A 196 -1.77 18.10 1.15
CA GLY A 196 -2.77 19.10 0.82
C GLY A 196 -4.08 18.97 1.56
N TYR A 197 -4.15 18.10 2.57
CA TYR A 197 -5.39 17.92 3.31
C TYR A 197 -5.70 19.15 4.15
N GLN A 198 -6.98 19.34 4.44
CA GLN A 198 -7.41 20.28 5.48
C GLN A 198 -7.50 19.49 6.78
N LEU A 199 -6.60 19.78 7.72
CA LEU A 199 -6.51 18.98 8.94
C LEU A 199 -7.56 19.39 9.96
N LYS A 200 -7.62 20.67 10.30
CA LYS A 200 -8.49 21.15 11.36
C LYS A 200 -9.85 21.57 10.81
N GLY A 201 -10.91 21.15 11.49
CA GLY A 201 -12.25 21.54 11.10
C GLY A 201 -12.69 21.04 9.76
N ASN A 202 -12.25 19.84 9.38
CA ASN A 202 -12.66 19.26 8.10
C ASN A 202 -14.05 18.66 8.23
N PRO A 203 -15.02 19.09 7.42
CA PRO A 203 -16.39 18.56 7.58
C PRO A 203 -16.52 17.11 7.14
N ARG A 204 -15.75 16.68 6.15
CA ARG A 204 -15.80 15.30 5.68
C ARG A 204 -15.05 14.33 6.58
N TYR A 205 -14.21 14.83 7.49
CA TYR A 205 -13.39 13.98 8.37
C TYR A 205 -13.19 14.72 9.67
N PRO A 206 -14.22 14.75 10.52
CA PRO A 206 -14.16 15.62 11.72
C PRO A 206 -13.08 15.23 12.72
N ARG A 207 -12.70 13.96 12.79
CA ARG A 207 -11.69 13.49 13.73
C ARG A 207 -10.42 13.05 13.03
N LEU A 208 -9.99 13.84 12.04
CA LEU A 208 -8.79 13.51 11.27
C LEU A 208 -7.54 13.57 12.13
N ILE A 209 -7.42 14.60 12.97
CA ILE A 209 -6.21 14.76 13.78
C ILE A 209 -6.09 13.63 14.80
N GLU A 210 -7.20 13.27 15.45
CA GLU A 210 -7.17 12.20 16.44
C GLU A 210 -6.78 10.87 15.80
N ASP A 211 -7.27 10.61 14.59
CA ASP A 211 -6.91 9.37 13.89
C ASP A 211 -5.42 9.34 13.54
N TYR A 212 -4.86 10.47 13.10
CA TYR A 212 -3.45 10.51 12.74
C TYR A 212 -2.56 10.26 13.96
N LYS A 213 -2.85 10.96 15.06
CA LYS A 213 -2.00 10.82 16.26
C LYS A 213 -1.99 9.39 16.76
N ARG A 214 -3.14 8.71 16.71
CA ARG A 214 -3.20 7.32 17.15
C ARG A 214 -2.44 6.41 16.20
N SER A 215 -2.43 6.74 14.90
CA SER A 215 -1.73 5.90 13.93
C SER A 215 -0.22 6.00 14.11
N PHE A 216 0.29 7.19 14.43
CA PHE A 216 1.70 7.33 14.76
C PHE A 216 2.10 6.36 15.86
N ALA A 217 1.26 6.25 16.90
CA ALA A 217 1.56 5.32 17.98
C ALA A 217 1.45 3.87 17.52
N THR A 218 0.49 3.58 16.64
CA THR A 218 0.33 2.22 16.14
C THR A 218 1.56 1.76 15.37
N VAL A 219 2.12 2.63 14.54
CA VAL A 219 3.27 2.26 13.72
C VAL A 219 4.52 2.09 14.59
N ARG A 220 4.64 2.84 15.68
CA ARG A 220 5.79 2.70 16.55
C ARG A 220 5.85 1.31 17.20
N ALA A 221 4.69 0.76 17.56
CA ALA A 221 4.64 -0.50 18.29
C ALA A 221 4.60 -1.72 17.38
N LEU A 222 4.63 -1.53 16.06
CA LEU A 222 4.49 -2.66 15.15
C LEU A 222 5.68 -3.62 15.31
N PRO A 223 5.43 -4.94 15.36
CA PRO A 223 6.56 -5.89 15.38
C PRO A 223 7.27 -5.90 14.04
N CYS A 224 8.50 -5.40 13.99
CA CYS A 224 9.14 -5.15 12.71
C CYS A 224 10.66 -5.26 12.82
N ASP A 225 11.24 -6.13 12.00
CA ASP A 225 12.68 -6.14 11.75
C ASP A 225 13.04 -5.43 10.45
N LEU A 226 12.08 -5.26 9.55
CA LEU A 226 12.33 -4.66 8.24
C LEU A 226 11.03 -3.98 7.79
N LEU A 227 11.11 -2.69 7.49
CA LEU A 227 9.94 -1.88 7.16
C LEU A 227 9.90 -1.56 5.67
N LEU A 228 8.72 -1.70 5.07
CA LEU A 228 8.50 -1.32 3.68
C LEU A 228 7.24 -0.46 3.60
N THR A 229 7.25 0.48 2.65
CA THR A 229 6.17 1.44 2.48
C THR A 229 5.70 1.42 1.02
N PRO A 230 4.45 1.83 0.77
CA PRO A 230 3.98 1.85 -0.63
C PRO A 230 4.84 2.71 -1.54
N HIS A 231 5.27 3.88 -1.07
CA HIS A 231 6.31 4.64 -1.75
C HIS A 231 7.64 4.34 -1.09
N PRO A 232 8.59 3.74 -1.79
CA PRO A 232 9.81 3.27 -1.11
C PRO A 232 10.63 4.37 -0.50
N GLY A 233 10.63 5.57 -1.08
CA GLY A 233 11.40 6.67 -0.53
C GLY A 233 10.96 7.10 0.86
N ALA A 234 9.71 6.79 1.24
CA ALA A 234 9.22 7.17 2.55
C ALA A 234 9.93 6.43 3.67
N SER A 235 10.36 5.19 3.41
CA SER A 235 11.12 4.41 4.38
C SER A 235 12.59 4.28 4.01
N ASN A 236 13.06 5.13 3.09
CA ASN A 236 14.47 5.20 2.68
C ASN A 236 14.91 3.94 1.94
N TRP A 237 14.02 3.37 1.15
CA TRP A 237 14.36 2.29 0.24
C TRP A 237 14.77 2.86 -1.12
N ASN A 238 15.70 2.16 -1.78
CA ASN A 238 16.14 2.51 -3.12
C ASN A 238 16.13 1.22 -3.94
N TYR A 239 15.01 0.91 -4.57
CA TYR A 239 14.88 -0.32 -5.33
C TYR A 239 15.85 -0.38 -6.51
N ALA A 240 16.40 0.76 -6.94
CA ALA A 240 17.21 0.78 -8.14
C ALA A 240 18.57 0.12 -7.93
N VAL A 241 19.13 0.22 -6.72
CA VAL A 241 20.47 -0.31 -6.46
C VAL A 241 20.47 -1.80 -6.14
N GLY A 242 19.32 -2.45 -6.12
CA GLY A 242 19.24 -3.89 -5.99
C GLY A 242 19.72 -4.46 -4.67
N SER A 243 20.98 -4.88 -4.62
CA SER A 243 21.48 -5.59 -3.44
C SER A 243 21.55 -4.68 -2.22
N LYS A 244 21.82 -3.39 -2.42
CA LYS A 244 21.90 -2.43 -1.32
C LYS A 244 20.59 -1.67 -1.11
N ALA A 245 19.47 -2.22 -1.57
CA ALA A 245 18.21 -1.48 -1.57
C ALA A 245 17.72 -1.18 -0.15
N SER A 246 17.98 -2.09 0.80
CA SER A 246 17.50 -1.94 2.17
C SER A 246 18.55 -1.38 3.10
N ALA A 247 19.68 -0.91 2.57
CA ALA A 247 20.81 -0.53 3.42
C ALA A 247 20.45 0.63 4.34
N GLU A 248 19.81 1.66 3.80
CA GLU A 248 19.51 2.87 4.56
C GLU A 248 18.06 2.93 5.05
N ALA A 249 17.33 1.82 4.99
CA ALA A 249 15.93 1.81 5.37
C ALA A 249 15.73 2.21 6.82
N LEU A 250 14.58 2.82 7.10
CA LEU A 250 14.28 3.35 8.41
C LEU A 250 13.63 2.28 9.30
N THR A 251 13.63 2.56 10.60
CA THR A 251 12.89 1.76 11.55
C THR A 251 11.44 2.24 11.62
N CYS A 252 10.59 1.42 12.25
CA CYS A 252 9.21 1.85 12.50
C CYS A 252 9.17 3.08 13.40
N ASN A 253 10.11 3.17 14.34
CA ASN A 253 10.17 4.33 15.24
C ASN A 253 10.56 5.59 14.47
N ALA A 254 11.61 5.50 13.65
CA ALA A 254 12.07 6.67 12.90
C ALA A 254 11.03 7.11 11.87
N TYR A 255 10.38 6.14 11.21
CA TYR A 255 9.38 6.47 10.21
C TYR A 255 8.19 7.21 10.82
N ALA A 256 7.72 6.73 11.97
CA ALA A 256 6.60 7.39 12.64
C ALA A 256 6.99 8.75 13.21
N ASP A 257 8.23 8.87 13.70
CA ASP A 257 8.68 10.13 14.28
C ASP A 257 8.77 11.23 13.22
N ALA A 258 9.31 10.89 12.05
CA ALA A 258 9.42 11.88 10.98
C ALA A 258 8.06 12.27 10.43
N ALA A 259 7.11 11.33 10.41
CA ALA A 259 5.78 11.65 9.94
C ALA A 259 5.07 12.62 10.88
N GLU A 260 5.24 12.42 12.19
CA GLU A 260 4.57 13.29 13.16
C GLU A 260 5.17 14.69 13.17
N LYS A 261 6.49 14.80 12.95
CA LYS A 261 7.11 16.12 12.90
C LYS A 261 6.63 16.91 11.67
N LYS A 262 6.48 16.24 10.54
CA LYS A 262 5.94 16.91 9.36
C LYS A 262 4.46 17.21 9.52
N PHE A 263 3.71 16.33 10.18
CA PHE A 263 2.29 16.57 10.41
C PHE A 263 2.08 17.75 11.37
N ASP A 264 2.92 17.86 12.39
CA ASP A 264 2.78 18.96 13.34
C ASP A 264 3.14 20.30 12.69
N ALA A 265 4.17 20.32 11.85
CA ALA A 265 4.54 21.56 11.16
C ALA A 265 3.45 21.99 10.20
N GLN A 266 2.85 21.04 9.48
CA GLN A 266 1.76 21.36 8.57
C GLN A 266 0.55 21.86 9.35
N LEU A 267 0.26 21.25 10.50
CA LEU A 267 -0.86 21.69 11.32
C LEU A 267 -0.62 23.07 11.92
N ALA A 268 0.65 23.44 12.12
CA ALA A 268 0.95 24.74 12.72
C ALA A 268 0.73 25.88 11.74
N ARG A 269 1.13 25.69 10.48
CA ARG A 269 0.95 26.74 9.49
C ARG A 269 -0.46 26.75 8.89
N GLU A 270 -1.28 25.75 9.19
CA GLU A 270 -2.67 25.80 8.78
C GLU A 270 -3.46 26.80 9.61
N THR A 271 -3.13 26.90 10.90
CA THR A 271 -3.75 27.91 11.75
C THR A 271 -3.36 29.32 11.33
N ALA A 272 -2.16 29.48 10.77
CA ALA A 272 -1.69 30.78 10.30
C ALA A 272 -2.58 31.33 9.18
ZN ZN B . -2.60 7.82 -1.28
#